data_9FHO
#
_entry.id   9FHO
#
_cell.length_a   48.561
_cell.length_b   61.894
_cell.length_c   61.769
_cell.angle_alpha   90.000
_cell.angle_beta   96.442
_cell.angle_gamma   90.000
#
_symmetry.space_group_name_H-M   'P 1 21 1'
#
loop_
_entity.id
_entity.type
_entity.pdbx_description
1 polymer 'arginine kinase'
2 non-polymer 'SULFATE ION'
3 water water
#
_entity_poly.entity_id   1
_entity_poly.type   'polypeptide(L)'
_entity_poly.pdbx_seq_one_letter_code
;MVDQAVLDKLEAGYQKLQASADCHSLLKKYLTRQVLDACKNRKTQMGATLLDVVQSGFENLDSGVGLYAPDAESYTLFKE
LFDPVIDDYHKGFKPTDKHPPTDFGDVNTLCNVDPDNQFVISTRVRCGRSLQGYPFNPCLTEAQYKEMEDKVKGQLNSFE
GELKGTYYPLLGMDKATQQQLIDDHFLFKEGDRFLQAANACRYWPVGRGIFHNDNKTFLIWCNEEDHLRIISMQKGGDLK
QVFSRLINGVNHIEKKLPFSRDDRLGFLTFCPTNLGTTIRASVHIKLPKLAADRKKLEEIAGKYNLQVRGTAGEHTESVG
GVYDISNKRRMGLTEYQAVKEMQDGILELIKIEKSM
;
_entity_poly.pdbx_strand_id   A
#
# COMPACT_ATOMS: atom_id res chain seq x y z
N MET A 1 8.24 27.30 -17.48
CA MET A 1 7.14 26.31 -17.31
C MET A 1 6.83 26.08 -15.83
N VAL A 2 7.83 25.70 -15.00
CA VAL A 2 7.58 25.59 -13.56
C VAL A 2 7.63 27.00 -12.93
N ASP A 3 6.55 27.38 -12.21
CA ASP A 3 6.45 28.66 -11.53
C ASP A 3 7.70 28.94 -10.70
N GLN A 4 8.15 30.19 -10.73
CA GLN A 4 9.23 30.63 -9.86
C GLN A 4 8.88 30.42 -8.38
N ALA A 5 7.61 30.66 -7.99
CA ALA A 5 7.23 30.49 -6.60
C ALA A 5 7.43 29.04 -6.17
N VAL A 6 7.18 28.08 -7.07
CA VAL A 6 7.37 26.67 -6.80
C VAL A 6 8.86 26.38 -6.62
N LEU A 7 9.71 26.95 -7.49
CA LEU A 7 11.14 26.75 -7.39
C LEU A 7 11.64 27.27 -6.05
N ASP A 8 11.08 28.42 -5.64
CA ASP A 8 11.42 29.06 -4.38
C ASP A 8 11.08 28.15 -3.21
N LYS A 9 9.92 27.48 -3.26
CA LYS A 9 9.49 26.59 -2.19
C LYS A 9 10.39 25.36 -2.12
N LEU A 10 10.82 24.85 -3.29
CA LEU A 10 11.75 23.73 -3.36
C LEU A 10 13.06 24.13 -2.68
N GLU A 11 13.55 25.34 -2.99
CA GLU A 11 14.81 25.82 -2.45
C GLU A 11 14.74 25.96 -0.93
N ALA A 12 13.64 26.55 -0.45
CA ALA A 12 13.47 26.75 0.98
C ALA A 12 13.36 25.40 1.70
N GLY A 13 12.67 24.44 1.07
CA GLY A 13 12.46 23.14 1.70
C GLY A 13 13.74 22.32 1.75
N TYR A 14 14.57 22.45 0.71
CA TYR A 14 15.90 21.85 0.72
C TYR A 14 16.71 22.41 1.89
N GLN A 15 16.66 23.74 2.08
CA GLN A 15 17.45 24.38 3.12
C GLN A 15 16.95 23.93 4.49
N LYS A 16 15.62 23.85 4.67
CA LYS A 16 15.03 23.31 5.89
C LYS A 16 15.64 21.94 6.24
N LEU A 17 15.66 21.02 5.27
CA LEU A 17 16.20 19.68 5.45
C LEU A 17 17.65 19.73 5.98
N GLN A 18 18.50 20.56 5.35
CA GLN A 18 19.90 20.67 5.71
C GLN A 18 20.07 21.20 7.13
N ALA A 19 19.19 22.11 7.56
CA ALA A 19 19.37 22.80 8.83
C ALA A 19 18.91 21.94 10.00
N SER A 20 18.13 20.88 9.71
CA SER A 20 17.64 19.94 10.71
C SER A 20 18.62 18.77 10.92
N ALA A 21 19.29 18.73 12.08
CA ALA A 21 20.22 17.65 12.38
C ALA A 21 19.47 16.35 12.72
N ASP A 22 18.21 16.44 13.20
CA ASP A 22 17.44 15.28 13.61
C ASP A 22 16.76 14.58 12.42
N CYS A 23 16.58 15.32 11.32
CA CYS A 23 15.94 14.76 10.13
C CYS A 23 16.80 13.66 9.52
N HIS A 24 16.19 12.47 9.37
CA HIS A 24 16.87 11.29 8.84
C HIS A 24 15.99 10.60 7.79
N SER A 25 15.19 11.39 7.07
CA SER A 25 14.34 10.87 6.02
C SER A 25 15.21 10.47 4.82
N LEU A 26 14.69 9.55 4.00
CA LEU A 26 15.28 9.21 2.72
C LEU A 26 15.31 10.44 1.80
N LEU A 27 14.29 11.30 1.94
CA LEU A 27 14.20 12.54 1.17
C LEU A 27 15.47 13.33 1.39
N LYS A 28 15.82 13.55 2.66
CA LYS A 28 16.99 14.36 2.96
C LYS A 28 18.25 13.68 2.44
N LYS A 29 18.27 12.33 2.47
CA LYS A 29 19.47 11.60 2.10
C LYS A 29 19.71 11.72 0.60
N TYR A 30 18.63 11.69 -0.20
CA TYR A 30 18.76 11.52 -1.63
C TYR A 30 18.47 12.80 -2.41
N LEU A 31 17.74 13.78 -1.82
CA LEU A 31 17.56 15.08 -2.46
C LEU A 31 18.81 15.93 -2.20
N THR A 32 19.89 15.60 -2.92
CA THR A 32 21.12 16.35 -2.95
C THR A 32 20.94 17.59 -3.83
N ARG A 33 21.90 18.51 -3.73
CA ARG A 33 21.97 19.67 -4.61
C ARG A 33 21.85 19.23 -6.08
N GLN A 34 22.55 18.14 -6.44
CA GLN A 34 22.65 17.70 -7.83
C GLN A 34 21.31 17.16 -8.32
N VAL A 35 20.67 16.33 -7.51
CA VAL A 35 19.39 15.74 -7.87
C VAL A 35 18.33 16.85 -7.98
N LEU A 36 18.33 17.78 -7.01
CA LEU A 36 17.41 18.89 -6.96
C LEU A 36 17.56 19.77 -8.21
N ASP A 37 18.81 20.06 -8.61
CA ASP A 37 19.04 20.91 -9.76
C ASP A 37 18.65 20.18 -11.03
N ALA A 38 18.83 18.86 -11.07
CA ALA A 38 18.50 18.07 -12.24
C ALA A 38 16.99 18.02 -12.47
N CYS A 39 16.20 18.00 -11.38
CA CYS A 39 14.80 17.66 -11.45
C CYS A 39 13.89 18.88 -11.35
N LYS A 40 14.36 19.99 -10.81
CA LYS A 40 13.45 21.00 -10.28
C LYS A 40 12.63 21.68 -11.38
N ASN A 41 13.13 21.65 -12.63
CA ASN A 41 12.49 22.38 -13.71
C ASN A 41 11.58 21.46 -14.51
N ARG A 42 11.33 20.22 -14.05
CA ARG A 42 10.51 19.28 -14.79
C ARG A 42 9.06 19.29 -14.30
N LYS A 43 8.13 18.94 -15.21
CA LYS A 43 6.70 18.83 -14.93
C LYS A 43 6.15 17.66 -15.73
N THR A 44 5.30 16.83 -15.10
CA THR A 44 4.61 15.76 -15.80
C THR A 44 3.52 16.31 -16.72
N GLN A 45 3.03 15.47 -17.64
CA GLN A 45 1.95 15.83 -18.55
C GLN A 45 0.68 16.20 -17.79
N MET A 46 0.48 15.60 -16.61
CA MET A 46 -0.70 15.88 -15.82
C MET A 46 -0.47 17.11 -14.95
N GLY A 47 0.77 17.64 -14.96
CA GLY A 47 1.06 18.95 -14.40
C GLY A 47 1.74 18.91 -13.03
N ALA A 48 2.19 17.73 -12.60
CA ALA A 48 2.90 17.59 -11.33
C ALA A 48 4.36 18.06 -11.41
N THR A 49 4.82 18.74 -10.33
CA THR A 49 6.19 19.23 -10.19
C THR A 49 6.88 18.47 -9.07
N LEU A 50 8.18 18.76 -8.89
CA LEU A 50 8.92 18.07 -7.84
C LEU A 50 8.34 18.39 -6.47
N LEU A 51 7.66 19.51 -6.37
CA LEU A 51 7.09 19.90 -5.10
C LEU A 51 5.97 18.91 -4.76
N ASP A 52 5.26 18.41 -5.80
CA ASP A 52 4.13 17.52 -5.57
C ASP A 52 4.64 16.14 -5.14
N VAL A 53 5.97 15.91 -5.24
CA VAL A 53 6.64 14.71 -4.79
C VAL A 53 7.11 14.89 -3.36
N VAL A 54 7.77 16.01 -3.04
CA VAL A 54 8.64 16.07 -1.86
C VAL A 54 8.05 16.90 -0.72
N GLN A 55 6.92 17.60 -0.95
CA GLN A 55 6.43 18.60 0.00
C GLN A 55 6.12 18.01 1.39
N SER A 56 5.60 16.77 1.46
CA SER A 56 5.31 16.16 2.76
C SER A 56 6.56 16.02 3.65
N GLY A 57 7.72 15.65 3.06
CA GLY A 57 8.99 15.49 3.77
C GLY A 57 9.62 16.84 4.17
N PHE A 58 9.25 17.92 3.47
CA PHE A 58 9.62 19.24 3.92
C PHE A 58 8.89 19.59 5.21
N GLU A 59 7.60 19.27 5.27
CA GLU A 59 6.75 19.65 6.39
C GLU A 59 7.00 18.72 7.59
N ASN A 60 7.16 17.43 7.33
CA ASN A 60 7.32 16.42 8.37
C ASN A 60 8.77 15.93 8.38
N LEU A 61 9.64 16.62 9.14
CA LEU A 61 11.07 16.32 9.19
C LEU A 61 11.34 14.92 9.73
N ASP A 62 10.39 14.39 10.51
CA ASP A 62 10.52 13.08 11.13
C ASP A 62 9.95 11.97 10.24
N SER A 63 9.68 12.27 8.96
CA SER A 63 9.27 11.23 8.02
C SER A 63 10.36 10.16 7.88
N GLY A 64 9.93 8.90 7.67
CA GLY A 64 10.81 7.82 7.27
C GLY A 64 11.32 7.98 5.82
N VAL A 65 10.39 7.93 4.87
CA VAL A 65 10.69 8.16 3.46
C VAL A 65 10.59 9.66 3.15
N GLY A 66 9.38 10.27 3.22
CA GLY A 66 9.32 11.72 3.05
C GLY A 66 9.00 12.18 1.61
N LEU A 67 8.53 11.26 0.75
CA LEU A 67 8.09 11.65 -0.57
C LEU A 67 7.06 10.65 -1.08
N TYR A 68 6.22 11.14 -2.00
CA TYR A 68 5.13 10.38 -2.58
C TYR A 68 5.09 10.63 -4.08
N ALA A 69 4.34 9.78 -4.76
CA ALA A 69 4.12 9.95 -6.20
C ALA A 69 2.81 10.72 -6.46
N PRO A 70 2.84 11.91 -7.14
CA PRO A 70 1.64 12.65 -7.52
C PRO A 70 0.89 12.12 -8.75
N ASP A 71 1.55 11.27 -9.53
CA ASP A 71 0.97 10.55 -10.67
C ASP A 71 1.95 9.47 -11.14
N ALA A 72 1.55 8.66 -12.14
CA ALA A 72 2.36 7.54 -12.59
C ALA A 72 3.67 8.01 -13.22
N GLU A 73 3.62 9.08 -14.02
CA GLU A 73 4.77 9.53 -14.77
C GLU A 73 5.89 9.99 -13.86
N SER A 74 5.53 10.57 -12.70
CA SER A 74 6.50 11.11 -11.77
C SER A 74 7.63 10.11 -11.43
N TYR A 75 7.31 8.81 -11.32
CA TYR A 75 8.31 7.81 -10.98
C TYR A 75 9.45 7.80 -11.99
N THR A 76 9.13 7.94 -13.26
CA THR A 76 10.18 7.95 -14.29
C THR A 76 10.74 9.36 -14.47
N LEU A 77 9.90 10.41 -14.42
CA LEU A 77 10.32 11.78 -14.70
C LEU A 77 11.30 12.26 -13.62
N PHE A 78 11.10 11.84 -12.37
CA PHE A 78 11.97 12.20 -11.25
C PHE A 78 12.78 11.00 -10.77
N LYS A 79 13.21 10.12 -11.70
CA LYS A 79 13.95 8.91 -11.35
C LYS A 79 15.25 9.21 -10.59
N GLU A 80 15.94 10.35 -10.79
CA GLU A 80 17.18 10.55 -10.03
C GLU A 80 16.92 10.64 -8.52
N LEU A 81 15.71 11.04 -8.10
CA LEU A 81 15.30 10.94 -6.70
C LEU A 81 14.62 9.60 -6.40
N PHE A 82 13.66 9.15 -7.22
CA PHE A 82 12.90 7.97 -6.84
C PHE A 82 13.77 6.72 -6.80
N ASP A 83 14.71 6.59 -7.75
CA ASP A 83 15.45 5.35 -7.89
C ASP A 83 16.26 5.04 -6.63
N PRO A 84 17.14 5.94 -6.13
CA PRO A 84 17.89 5.67 -4.91
C PRO A 84 17.02 5.42 -3.67
N VAL A 85 15.88 6.11 -3.58
CA VAL A 85 14.93 5.98 -2.49
C VAL A 85 14.37 4.56 -2.50
N ILE A 86 13.97 4.08 -3.66
CA ILE A 86 13.38 2.74 -3.79
C ILE A 86 14.43 1.67 -3.42
N ASP A 87 15.64 1.84 -3.95
CA ASP A 87 16.75 0.92 -3.70
C ASP A 87 17.01 0.81 -2.20
N ASP A 88 17.05 1.94 -1.51
CA ASP A 88 17.26 1.99 -0.08
C ASP A 88 16.12 1.28 0.66
N TYR A 89 14.86 1.69 0.37
CA TYR A 89 13.71 1.23 1.12
C TYR A 89 13.46 -0.27 0.88
N HIS A 90 13.51 -0.72 -0.37
CA HIS A 90 13.25 -2.11 -0.70
C HIS A 90 14.51 -2.98 -0.53
N LYS A 91 15.56 -2.45 0.12
CA LYS A 91 16.68 -3.26 0.57
C LYS A 91 17.37 -3.94 -0.60
N GLY A 92 17.85 -3.12 -1.54
CA GLY A 92 18.43 -3.64 -2.76
C GLY A 92 17.35 -3.88 -3.81
N PHE A 93 17.02 -2.80 -4.52
CA PHE A 93 16.32 -2.85 -5.79
C PHE A 93 16.95 -1.75 -6.62
N LYS A 94 18.01 -2.09 -7.35
CA LYS A 94 18.87 -1.08 -7.97
C LYS A 94 18.17 -0.36 -9.12
N PRO A 95 18.68 0.82 -9.57
CA PRO A 95 18.10 1.53 -10.72
C PRO A 95 17.95 0.72 -12.01
N THR A 96 18.82 -0.29 -12.20
CA THR A 96 18.82 -1.17 -13.37
C THR A 96 18.00 -2.45 -13.13
N ASP A 97 17.50 -2.67 -11.90
CA ASP A 97 16.70 -3.86 -11.61
C ASP A 97 15.31 -3.68 -12.23
N LYS A 98 14.62 -4.80 -12.38
CA LYS A 98 13.33 -4.85 -13.03
C LYS A 98 12.43 -5.84 -12.29
N HIS A 99 11.23 -5.37 -11.95
CA HIS A 99 10.24 -6.17 -11.25
C HIS A 99 9.74 -7.22 -12.25
N PRO A 100 9.49 -8.49 -11.84
CA PRO A 100 8.89 -9.47 -12.74
C PRO A 100 7.46 -9.18 -13.15
N PRO A 101 7.03 -9.81 -14.26
CA PRO A 101 5.64 -9.80 -14.70
C PRO A 101 4.71 -10.19 -13.57
N THR A 102 3.47 -9.70 -13.59
CA THR A 102 2.44 -10.14 -12.66
C THR A 102 2.27 -11.64 -12.80
N ASP A 103 2.17 -12.35 -11.67
CA ASP A 103 1.88 -13.78 -11.64
C ASP A 103 1.28 -14.15 -10.27
N PHE A 104 -0.04 -14.37 -10.23
CA PHE A 104 -0.74 -14.84 -9.04
C PHE A 104 -0.51 -16.34 -8.82
N GLY A 105 -0.06 -17.03 -9.87
CA GLY A 105 0.38 -18.41 -9.77
C GLY A 105 -0.76 -19.39 -9.50
N ASP A 106 -0.42 -20.56 -8.97
CA ASP A 106 -1.41 -21.61 -8.79
C ASP A 106 -1.85 -21.69 -7.33
N VAL A 107 -3.07 -21.21 -7.05
CA VAL A 107 -3.60 -21.21 -5.69
C VAL A 107 -3.74 -22.65 -5.14
N ASN A 108 -3.78 -23.69 -5.99
CA ASN A 108 -3.93 -25.05 -5.49
C ASN A 108 -2.64 -25.56 -4.88
N THR A 109 -1.57 -24.77 -4.97
CA THR A 109 -0.34 -25.09 -4.26
C THR A 109 -0.35 -24.46 -2.86
N LEU A 110 -1.35 -23.65 -2.54
CA LEU A 110 -1.40 -23.04 -1.22
C LEU A 110 -2.30 -23.88 -0.31
N CYS A 111 -2.21 -23.63 0.99
CA CYS A 111 -2.89 -24.45 1.97
C CYS A 111 -3.44 -23.60 3.12
N ASN A 112 -3.95 -24.29 4.14
CA ASN A 112 -4.32 -23.70 5.41
C ASN A 112 -3.10 -23.79 6.33
N VAL A 113 -2.62 -22.65 6.84
CA VAL A 113 -1.40 -22.67 7.61
C VAL A 113 -1.64 -23.16 9.03
N ASP A 114 -2.90 -23.28 9.45
CA ASP A 114 -3.24 -23.75 10.79
C ASP A 114 -4.55 -24.54 10.76
N PRO A 115 -4.56 -25.77 10.19
CA PRO A 115 -5.81 -26.52 10.02
C PRO A 115 -6.55 -26.86 11.31
N ASP A 116 -5.80 -26.95 12.41
CA ASP A 116 -6.39 -27.35 13.68
C ASP A 116 -6.85 -26.13 14.49
N ASN A 117 -6.61 -24.92 13.96
CA ASN A 117 -7.04 -23.65 14.55
C ASN A 117 -6.53 -23.48 15.98
N GLN A 118 -5.22 -23.71 16.15
CA GLN A 118 -4.56 -23.58 17.43
C GLN A 118 -3.79 -22.27 17.60
N PHE A 119 -3.53 -21.50 16.53
CA PHE A 119 -2.58 -20.38 16.56
C PHE A 119 -3.07 -19.14 15.81
N VAL A 120 -3.55 -19.30 14.57
CA VAL A 120 -3.88 -18.17 13.73
C VAL A 120 -5.32 -17.72 13.96
N ILE A 121 -5.50 -16.47 14.41
CA ILE A 121 -6.80 -15.88 14.64
C ILE A 121 -7.46 -15.55 13.31
N SER A 122 -6.70 -14.90 12.40
CA SER A 122 -7.20 -14.47 11.10
C SER A 122 -6.07 -14.35 10.08
N THR A 123 -6.44 -14.42 8.80
CA THR A 123 -5.58 -14.30 7.62
C THR A 123 -6.15 -13.19 6.72
N ARG A 124 -5.25 -12.39 6.15
CA ARG A 124 -5.61 -11.24 5.33
C ARG A 124 -4.61 -11.15 4.17
N VAL A 125 -5.08 -10.90 2.93
CA VAL A 125 -4.18 -10.47 1.88
C VAL A 125 -4.73 -9.16 1.31
N ARG A 126 -3.85 -8.14 1.23
CA ARG A 126 -4.18 -6.82 0.76
C ARG A 126 -3.29 -6.47 -0.43
N CYS A 127 -3.88 -5.77 -1.39
CA CYS A 127 -3.10 -5.14 -2.46
C CYS A 127 -3.64 -3.73 -2.71
N GLY A 128 -2.89 -3.00 -3.54
CA GLY A 128 -3.24 -1.64 -3.91
C GLY A 128 -3.19 -1.48 -5.43
N ARG A 129 -4.04 -0.59 -5.96
CA ARG A 129 -4.03 -0.27 -7.38
C ARG A 129 -4.28 1.23 -7.60
N SER A 130 -3.57 1.74 -8.62
CA SER A 130 -3.88 3.00 -9.27
C SER A 130 -4.57 2.72 -10.61
N LEU A 131 -5.55 3.56 -10.98
CA LEU A 131 -6.27 3.47 -12.23
C LEU A 131 -5.53 4.26 -13.31
N GLN A 132 -5.28 3.60 -14.44
CA GLN A 132 -4.59 4.22 -15.56
C GLN A 132 -5.38 5.45 -15.98
N GLY A 133 -4.65 6.56 -16.20
CA GLY A 133 -5.20 7.76 -16.81
C GLY A 133 -5.67 8.80 -15.79
N TYR A 134 -5.43 8.53 -14.51
CA TYR A 134 -5.80 9.48 -13.47
C TYR A 134 -4.55 9.87 -12.69
N PRO A 135 -4.42 11.15 -12.28
CA PRO A 135 -3.42 11.53 -11.28
C PRO A 135 -3.63 10.76 -9.97
N PHE A 136 -2.59 10.73 -9.14
CA PHE A 136 -2.73 10.17 -7.79
C PHE A 136 -3.25 11.26 -6.85
N ASN A 137 -3.44 10.90 -5.58
CA ASN A 137 -4.14 11.75 -4.65
C ASN A 137 -3.55 13.17 -4.58
N PRO A 138 -2.23 13.41 -4.64
CA PRO A 138 -1.74 14.77 -4.52
C PRO A 138 -2.21 15.75 -5.60
N CYS A 139 -2.65 15.23 -6.76
CA CYS A 139 -3.02 16.11 -7.86
C CYS A 139 -4.43 15.91 -8.42
N LEU A 140 -5.22 14.97 -7.89
CA LEU A 140 -6.60 14.77 -8.31
C LEU A 140 -7.38 16.07 -8.07
N THR A 141 -8.19 16.47 -9.04
CA THR A 141 -9.17 17.54 -8.85
C THR A 141 -10.45 16.99 -8.24
N GLU A 142 -11.29 17.89 -7.72
CA GLU A 142 -12.59 17.49 -7.19
C GLU A 142 -13.42 16.79 -8.27
N ALA A 143 -13.41 17.33 -9.49
CA ALA A 143 -14.11 16.67 -10.58
C ALA A 143 -13.60 15.24 -10.84
N GLN A 144 -12.29 15.02 -10.77
CA GLN A 144 -11.77 13.70 -11.08
C GLN A 144 -12.13 12.71 -9.97
N TYR A 145 -12.08 13.18 -8.71
CA TYR A 145 -12.57 12.34 -7.62
C TYR A 145 -13.98 11.83 -7.93
N LYS A 146 -14.90 12.72 -8.33
CA LYS A 146 -16.28 12.36 -8.54
C LYS A 146 -16.43 11.42 -9.73
N GLU A 147 -15.74 11.73 -10.83
CA GLU A 147 -15.88 10.88 -12.02
C GLU A 147 -15.30 9.48 -11.76
N MET A 148 -14.17 9.39 -11.06
CA MET A 148 -13.54 8.10 -10.79
C MET A 148 -14.44 7.26 -9.89
N GLU A 149 -15.03 7.89 -8.87
CA GLU A 149 -15.91 7.15 -7.97
C GLU A 149 -17.04 6.52 -8.76
N ASP A 150 -17.64 7.25 -9.68
CA ASP A 150 -18.79 6.74 -10.41
C ASP A 150 -18.37 5.49 -11.19
N LYS A 151 -17.16 5.50 -11.76
CA LYS A 151 -16.67 4.35 -12.51
C LYS A 151 -16.46 3.15 -11.61
N VAL A 152 -15.87 3.39 -10.42
CA VAL A 152 -15.57 2.36 -9.46
C VAL A 152 -16.87 1.70 -8.97
N LYS A 153 -17.85 2.54 -8.60
CA LYS A 153 -19.11 2.08 -8.06
C LYS A 153 -19.80 1.19 -9.08
N GLY A 154 -19.71 1.55 -10.36
CA GLY A 154 -20.26 0.75 -11.45
C GLY A 154 -19.75 -0.68 -11.40
N GLN A 155 -18.42 -0.83 -11.30
CA GLN A 155 -17.81 -2.14 -11.39
C GLN A 155 -18.04 -2.92 -10.08
N LEU A 156 -17.97 -2.25 -8.91
CA LEU A 156 -18.20 -2.95 -7.65
C LEU A 156 -19.65 -3.42 -7.56
N ASN A 157 -20.60 -2.67 -8.13
CA ASN A 157 -21.98 -3.04 -8.03
C ASN A 157 -22.24 -4.26 -8.90
N SER A 158 -21.29 -4.64 -9.78
CA SER A 158 -21.53 -5.77 -10.66
C SER A 158 -20.92 -7.06 -10.13
N PHE A 159 -20.36 -7.06 -8.91
CA PHE A 159 -19.87 -8.28 -8.30
C PHE A 159 -21.01 -9.27 -8.09
N GLU A 160 -20.73 -10.55 -8.37
CA GLU A 160 -21.71 -11.62 -8.28
C GLU A 160 -21.27 -12.65 -7.22
N GLY A 161 -22.21 -13.48 -6.76
CA GLY A 161 -21.88 -14.61 -5.90
C GLY A 161 -21.27 -14.17 -4.55
N GLU A 162 -20.09 -14.71 -4.24
CA GLU A 162 -19.42 -14.56 -2.95
C GLU A 162 -18.99 -13.11 -2.74
N LEU A 163 -18.66 -12.40 -3.83
CA LEU A 163 -18.16 -11.03 -3.74
C LEU A 163 -19.28 -9.98 -3.74
N LYS A 164 -20.56 -10.37 -3.93
CA LYS A 164 -21.67 -9.43 -4.04
C LYS A 164 -21.79 -8.63 -2.73
N GLY A 165 -21.96 -7.31 -2.81
CA GLY A 165 -22.03 -6.53 -1.57
C GLY A 165 -22.71 -5.18 -1.74
N THR A 166 -22.32 -4.22 -0.88
CA THR A 166 -22.83 -2.86 -0.91
C THR A 166 -21.71 -1.83 -0.90
N TYR A 167 -21.92 -0.73 -1.65
CA TYR A 167 -21.00 0.39 -1.65
C TYR A 167 -21.54 1.51 -0.73
N TYR A 168 -20.67 2.03 0.14
CA TYR A 168 -21.05 3.07 1.07
C TYR A 168 -20.20 4.31 0.83
N PRO A 169 -20.73 5.41 0.22
CA PRO A 169 -19.95 6.62 0.03
C PRO A 169 -19.70 7.28 1.40
N LEU A 170 -18.52 7.89 1.61
CA LEU A 170 -18.31 8.72 2.78
C LEU A 170 -19.15 9.99 2.76
N LEU A 171 -19.36 10.61 1.58
CA LEU A 171 -20.15 11.82 1.48
C LEU A 171 -21.59 11.49 1.79
N GLY A 172 -22.16 12.12 2.82
CA GLY A 172 -23.56 11.93 3.16
C GLY A 172 -23.81 10.68 4.01
N MET A 173 -22.72 10.05 4.51
CA MET A 173 -22.86 8.82 5.27
C MET A 173 -23.51 9.19 6.60
N ASP A 174 -24.49 8.40 7.01
CA ASP A 174 -25.23 8.69 8.24
C ASP A 174 -24.52 8.02 9.41
N LYS A 175 -24.78 8.51 10.63
CA LYS A 175 -24.05 8.10 11.82
C LYS A 175 -24.22 6.62 12.17
N ALA A 176 -25.38 6.04 11.84
CA ALA A 176 -25.68 4.64 12.14
C ALA A 176 -24.92 3.71 11.19
N THR A 177 -24.86 4.09 9.90
CA THR A 177 -24.03 3.38 8.94
C THR A 177 -22.56 3.45 9.36
N GLN A 178 -22.14 4.62 9.80
CA GLN A 178 -20.75 4.83 10.19
C GLN A 178 -20.39 3.93 11.37
N GLN A 179 -21.29 3.83 12.34
CA GLN A 179 -21.07 3.03 13.54
C GLN A 179 -20.95 1.54 13.20
N GLN A 180 -21.81 1.05 12.30
CA GLN A 180 -21.72 -0.32 11.82
C GLN A 180 -20.36 -0.58 11.19
N LEU A 181 -19.87 0.33 10.36
CA LEU A 181 -18.59 0.10 9.70
C LEU A 181 -17.43 0.11 10.69
N ILE A 182 -17.47 1.06 11.65
CA ILE A 182 -16.51 1.05 12.75
C ILE A 182 -16.56 -0.31 13.45
N ASP A 183 -17.76 -0.79 13.78
CA ASP A 183 -17.90 -2.08 14.45
C ASP A 183 -17.23 -3.21 13.65
N ASP A 184 -17.24 -3.12 12.31
CA ASP A 184 -16.67 -4.15 11.46
C ASP A 184 -15.19 -3.90 11.16
N HIS A 185 -14.62 -2.80 11.69
CA HIS A 185 -13.25 -2.40 11.40
C HIS A 185 -13.05 -2.11 9.91
N PHE A 186 -14.06 -1.50 9.29
CA PHE A 186 -14.04 -1.27 7.86
C PHE A 186 -13.94 0.22 7.55
N LEU A 187 -14.04 1.12 8.56
CA LEU A 187 -14.12 2.53 8.23
C LEU A 187 -12.72 3.09 8.02
N PHE A 188 -12.59 4.06 7.11
CA PHE A 188 -11.43 4.93 7.17
C PHE A 188 -11.87 6.38 7.32
N LYS A 189 -10.90 7.22 7.66
CA LYS A 189 -11.14 8.63 7.89
C LYS A 189 -10.08 9.45 7.16
N GLU A 190 -10.18 10.77 7.36
CA GLU A 190 -9.22 11.67 6.77
C GLU A 190 -7.82 11.33 7.26
N GLY A 191 -6.84 11.53 6.37
CA GLY A 191 -5.49 11.03 6.60
C GLY A 191 -4.75 11.84 7.66
N ASP A 192 -3.62 11.26 8.07
CA ASP A 192 -2.73 11.78 9.09
C ASP A 192 -1.91 12.94 8.51
N ARG A 193 -1.02 13.55 9.32
CA ARG A 193 -0.25 14.72 8.93
C ARG A 193 0.65 14.45 7.73
N PHE A 194 1.06 13.20 7.51
CA PHE A 194 1.92 12.87 6.38
C PHE A 194 1.12 12.99 5.08
N LEU A 195 -0.10 12.41 5.09
CA LEU A 195 -0.99 12.47 3.94
C LEU A 195 -1.48 13.91 3.72
N GLN A 196 -1.78 14.67 4.80
CA GLN A 196 -2.30 16.02 4.64
C GLN A 196 -1.24 16.87 3.95
N ALA A 197 0.02 16.71 4.38
CA ALA A 197 1.08 17.59 3.90
C ALA A 197 1.52 17.19 2.49
N ALA A 198 1.10 15.98 2.06
CA ALA A 198 1.24 15.50 0.69
C ALA A 198 0.10 15.95 -0.23
N ASN A 199 -0.88 16.72 0.27
CA ASN A 199 -2.04 17.15 -0.51
C ASN A 199 -2.89 15.96 -0.92
N ALA A 200 -2.89 14.90 -0.10
CA ALA A 200 -3.53 13.65 -0.44
C ALA A 200 -4.95 13.54 0.11
N CYS A 201 -5.38 14.53 0.90
CA CYS A 201 -6.70 14.48 1.53
C CYS A 201 -7.59 15.65 1.17
N ARG A 202 -7.38 16.23 -0.01
CA ARG A 202 -8.14 17.41 -0.42
C ARG A 202 -9.57 17.04 -0.84
N TYR A 203 -10.49 18.01 -0.69
CA TYR A 203 -11.89 17.88 -1.08
C TYR A 203 -12.56 16.73 -0.35
N TRP A 204 -12.14 16.52 0.90
CA TRP A 204 -12.64 15.39 1.67
C TRP A 204 -14.12 15.59 1.98
N PRO A 205 -15.03 14.58 1.92
CA PRO A 205 -14.76 13.23 1.44
C PRO A 205 -15.27 12.94 0.02
N VAL A 206 -15.20 13.93 -0.85
CA VAL A 206 -15.72 13.74 -2.20
C VAL A 206 -14.96 12.61 -2.89
N GLY A 207 -15.73 11.65 -3.46
CA GLY A 207 -15.16 10.53 -4.20
C GLY A 207 -14.55 9.41 -3.34
N ARG A 208 -14.74 9.45 -2.02
CA ARG A 208 -14.23 8.40 -1.14
C ARG A 208 -15.38 7.49 -0.74
N GLY A 209 -15.09 6.21 -0.61
CA GLY A 209 -16.11 5.24 -0.26
C GLY A 209 -15.55 3.86 0.13
N ILE A 210 -16.48 3.05 0.65
CA ILE A 210 -16.17 1.73 1.17
C ILE A 210 -17.14 0.72 0.59
N PHE A 211 -16.61 -0.40 0.09
CA PHE A 211 -17.36 -1.53 -0.38
C PHE A 211 -17.02 -2.77 0.43
N HIS A 212 -18.02 -3.57 0.78
CA HIS A 212 -17.72 -4.92 1.28
C HIS A 212 -18.78 -5.93 0.88
N ASN A 213 -18.38 -7.20 0.83
CA ASN A 213 -19.29 -8.25 0.43
C ASN A 213 -20.19 -8.58 1.63
N ASP A 214 -21.29 -9.27 1.33
CA ASP A 214 -22.27 -9.62 2.36
C ASP A 214 -21.61 -10.46 3.45
N ASN A 215 -20.66 -11.33 3.08
CA ASN A 215 -20.01 -12.20 4.03
C ASN A 215 -18.95 -11.49 4.88
N LYS A 216 -18.59 -10.23 4.54
CA LYS A 216 -17.57 -9.46 5.26
C LYS A 216 -16.20 -10.16 5.26
N THR A 217 -15.88 -10.77 4.11
CA THR A 217 -14.60 -11.40 3.83
C THR A 217 -13.86 -10.73 2.67
N PHE A 218 -14.35 -9.56 2.21
CA PHE A 218 -13.77 -8.83 1.10
C PHE A 218 -14.11 -7.35 1.26
N LEU A 219 -13.11 -6.46 1.13
CA LEU A 219 -13.23 -5.05 1.52
C LEU A 219 -12.45 -4.20 0.52
N ILE A 220 -13.07 -3.14 0.02
CA ILE A 220 -12.39 -2.22 -0.88
C ILE A 220 -12.51 -0.82 -0.31
N TRP A 221 -11.37 -0.11 -0.30
CA TRP A 221 -11.42 1.31 -0.03
C TRP A 221 -11.12 2.08 -1.30
N CYS A 222 -11.97 3.08 -1.60
N CYS A 222 -12.00 3.06 -1.61
CA CYS A 222 -11.81 3.93 -2.76
CA CYS A 222 -11.82 3.97 -2.72
C CYS A 222 -11.34 5.31 -2.33
C CYS A 222 -11.28 5.31 -2.23
N ASN A 223 -10.10 5.68 -2.74
CA ASN A 223 -9.51 6.99 -2.56
C ASN A 223 -9.20 7.33 -1.10
N GLU A 224 -8.80 6.32 -0.32
CA GLU A 224 -8.05 6.55 0.89
C GLU A 224 -6.64 6.98 0.42
N GLU A 225 -5.67 6.11 0.52
CA GLU A 225 -4.31 6.49 0.19
C GLU A 225 -4.07 6.30 -1.30
N ASP A 226 -4.55 5.18 -1.82
CA ASP A 226 -4.50 4.94 -3.25
C ASP A 226 -5.90 5.01 -3.84
N HIS A 227 -5.97 4.96 -5.16
CA HIS A 227 -7.25 4.89 -5.81
C HIS A 227 -8.07 3.74 -5.22
N LEU A 228 -7.44 2.56 -5.14
CA LEU A 228 -8.07 1.36 -4.60
C LEU A 228 -7.13 0.65 -3.64
N ARG A 229 -7.72 0.20 -2.53
CA ARG A 229 -7.13 -0.76 -1.62
C ARG A 229 -8.10 -1.94 -1.55
N ILE A 230 -7.58 -3.13 -1.86
CA ILE A 230 -8.41 -4.31 -2.03
C ILE A 230 -7.90 -5.36 -1.06
N ILE A 231 -8.81 -5.83 -0.20
CA ILE A 231 -8.46 -6.71 0.90
C ILE A 231 -9.42 -7.90 0.96
N SER A 232 -8.85 -9.11 1.12
CA SER A 232 -9.54 -10.35 1.41
C SER A 232 -9.13 -10.80 2.80
N MET A 233 -10.08 -11.26 3.63
CA MET A 233 -9.72 -11.72 4.95
C MET A 233 -10.74 -12.73 5.47
N GLN A 234 -10.35 -13.51 6.48
CA GLN A 234 -11.28 -14.37 7.19
C GLN A 234 -10.66 -14.86 8.48
N LYS A 235 -11.50 -15.38 9.38
CA LYS A 235 -11.05 -16.12 10.53
C LYS A 235 -10.30 -17.40 10.10
N GLY A 236 -9.27 -17.76 10.86
CA GLY A 236 -8.53 -18.99 10.62
C GLY A 236 -7.37 -18.78 9.64
N GLY A 237 -6.76 -19.89 9.19
CA GLY A 237 -5.51 -19.84 8.45
C GLY A 237 -5.60 -20.28 6.98
N ASP A 238 -6.81 -20.30 6.39
CA ASP A 238 -6.99 -20.77 5.01
C ASP A 238 -6.52 -19.71 4.02
N LEU A 239 -5.20 -19.66 3.82
CA LEU A 239 -4.58 -18.66 2.98
C LEU A 239 -4.97 -18.90 1.51
N LYS A 240 -5.21 -20.16 1.15
CA LYS A 240 -5.63 -20.51 -0.20
C LYS A 240 -6.95 -19.83 -0.52
N GLN A 241 -7.93 -19.99 0.37
CA GLN A 241 -9.23 -19.37 0.16
C GLN A 241 -9.13 -17.84 0.12
N VAL A 242 -8.39 -17.24 1.07
CA VAL A 242 -8.27 -15.80 1.15
C VAL A 242 -7.69 -15.23 -0.16
N PHE A 243 -6.58 -15.82 -0.64
CA PHE A 243 -5.86 -15.30 -1.79
C PHE A 243 -6.68 -15.51 -3.06
N SER A 244 -7.29 -16.72 -3.21
CA SER A 244 -8.21 -16.99 -4.30
C SER A 244 -9.25 -15.88 -4.44
N ARG A 245 -9.90 -15.52 -3.33
CA ARG A 245 -10.95 -14.52 -3.34
C ARG A 245 -10.38 -13.17 -3.80
N LEU A 246 -9.16 -12.83 -3.34
CA LEU A 246 -8.54 -11.57 -3.71
C LEU A 246 -8.36 -11.50 -5.22
N ILE A 247 -7.81 -12.57 -5.79
CA ILE A 247 -7.52 -12.63 -7.22
C ILE A 247 -8.83 -12.41 -7.97
N ASN A 248 -9.89 -13.09 -7.55
CA ASN A 248 -11.18 -12.97 -8.23
C ASN A 248 -11.70 -11.54 -8.22
N GLY A 249 -11.57 -10.86 -7.07
CA GLY A 249 -11.99 -9.48 -6.92
C GLY A 249 -11.17 -8.50 -7.78
N VAL A 250 -9.83 -8.64 -7.74
CA VAL A 250 -8.96 -7.76 -8.50
C VAL A 250 -9.25 -7.95 -9.99
N ASN A 251 -9.49 -9.21 -10.38
CA ASN A 251 -9.62 -9.55 -11.79
C ASN A 251 -10.93 -8.97 -12.34
N HIS A 252 -12.01 -9.05 -11.56
CA HIS A 252 -13.27 -8.44 -11.92
C HIS A 252 -13.10 -6.96 -12.18
N ILE A 253 -12.46 -6.24 -11.25
CA ILE A 253 -12.33 -4.81 -11.38
C ILE A 253 -11.62 -4.47 -12.67
N GLU A 254 -10.54 -5.22 -12.95
CA GLU A 254 -9.67 -4.92 -14.07
C GLU A 254 -10.40 -5.09 -15.40
N LYS A 255 -11.46 -5.91 -15.47
CA LYS A 255 -12.16 -6.09 -16.75
C LYS A 255 -12.62 -4.75 -17.31
N LYS A 256 -13.00 -3.79 -16.46
CA LYS A 256 -13.49 -2.51 -16.97
C LYS A 256 -12.53 -1.37 -16.62
N LEU A 257 -11.70 -1.51 -15.57
CA LEU A 257 -10.90 -0.40 -15.09
C LEU A 257 -9.43 -0.76 -15.17
N PRO A 258 -8.71 -0.40 -16.25
CA PRO A 258 -7.29 -0.73 -16.37
C PRO A 258 -6.45 -0.12 -15.26
N PHE A 259 -5.41 -0.85 -14.83
CA PHE A 259 -4.52 -0.43 -13.77
C PHE A 259 -3.26 0.22 -14.32
N SER A 260 -2.66 1.10 -13.50
CA SER A 260 -1.35 1.70 -13.77
C SER A 260 -0.25 0.72 -13.38
N ARG A 261 0.54 0.23 -14.36
CA ARG A 261 1.67 -0.63 -14.05
C ARG A 261 2.88 -0.16 -14.86
N ASP A 262 4.06 -0.10 -14.21
CA ASP A 262 5.31 0.28 -14.87
C ASP A 262 6.09 -0.98 -15.24
N ASP A 263 6.85 -0.92 -16.34
CA ASP A 263 7.59 -2.10 -16.75
C ASP A 263 8.70 -2.40 -15.73
N ARG A 264 9.27 -1.37 -15.12
CA ARG A 264 10.36 -1.59 -14.19
C ARG A 264 9.84 -1.79 -12.75
N LEU A 265 8.81 -1.02 -12.35
CA LEU A 265 8.45 -0.92 -10.94
C LEU A 265 7.23 -1.77 -10.53
N GLY A 266 6.59 -2.46 -11.48
CA GLY A 266 5.31 -3.12 -11.25
C GLY A 266 4.16 -2.14 -11.03
N PHE A 267 3.20 -2.51 -10.19
CA PHE A 267 2.04 -1.63 -9.96
C PHE A 267 2.43 -0.34 -9.24
N LEU A 268 2.02 0.78 -9.80
CA LEU A 268 2.37 2.08 -9.25
C LEU A 268 1.37 2.52 -8.18
N THR A 269 1.92 3.13 -7.11
CA THR A 269 1.19 3.51 -5.92
C THR A 269 1.60 4.90 -5.46
N PHE A 270 0.74 5.51 -4.67
CA PHE A 270 1.01 6.81 -4.10
C PHE A 270 2.29 6.74 -3.23
N CYS A 271 2.45 5.69 -2.44
CA CYS A 271 3.62 5.59 -1.58
C CYS A 271 4.63 4.66 -2.23
N PRO A 272 5.91 5.07 -2.38
CA PRO A 272 6.94 4.15 -2.87
C PRO A 272 7.16 2.86 -2.08
N THR A 273 6.74 2.82 -0.81
CA THR A 273 6.85 1.59 -0.04
C THR A 273 5.91 0.48 -0.54
N ASN A 274 4.97 0.80 -1.45
CA ASN A 274 3.88 -0.11 -1.84
C ASN A 274 3.98 -0.58 -3.29
N LEU A 275 5.13 -0.39 -3.94
CA LEU A 275 5.30 -0.77 -5.34
C LEU A 275 5.40 -2.28 -5.58
N GLY A 276 5.58 -2.66 -6.86
CA GLY A 276 5.86 -4.04 -7.23
C GLY A 276 4.58 -4.90 -7.23
N THR A 277 4.48 -5.84 -6.28
CA THR A 277 3.31 -6.66 -6.12
C THR A 277 2.18 -5.89 -5.41
N THR A 278 2.60 -4.89 -4.63
CA THR A 278 1.78 -4.17 -3.67
C THR A 278 1.23 -5.04 -2.55
N ILE A 279 1.69 -6.30 -2.41
CA ILE A 279 1.04 -7.26 -1.53
C ILE A 279 1.60 -7.23 -0.11
N ARG A 280 0.65 -7.14 0.84
CA ARG A 280 0.88 -7.49 2.24
C ARG A 280 -0.07 -8.64 2.61
N ALA A 281 0.52 -9.81 2.78
CA ALA A 281 -0.18 -11.01 3.22
C ALA A 281 0.17 -11.23 4.69
N SER A 282 -0.86 -11.27 5.57
CA SER A 282 -0.62 -11.23 7.00
C SER A 282 -1.46 -12.27 7.74
N VAL A 283 -1.04 -12.57 8.97
CA VAL A 283 -1.87 -13.28 9.92
C VAL A 283 -1.85 -12.54 11.25
N HIS A 284 -2.95 -12.67 12.02
CA HIS A 284 -2.92 -12.42 13.45
C HIS A 284 -2.76 -13.77 14.13
N ILE A 285 -1.67 -13.91 14.91
CA ILE A 285 -1.21 -15.20 15.37
C ILE A 285 -0.67 -15.09 16.79
N LYS A 286 -0.93 -16.12 17.60
CA LYS A 286 -0.42 -16.20 18.96
C LYS A 286 0.68 -17.26 18.99
N LEU A 287 1.85 -16.85 19.49
CA LEU A 287 3.01 -17.72 19.62
C LEU A 287 3.62 -17.42 20.98
N PRO A 288 3.02 -17.93 22.08
CA PRO A 288 3.41 -17.48 23.43
C PRO A 288 4.84 -17.86 23.83
N LYS A 289 5.30 -19.03 23.36
CA LYS A 289 6.66 -19.48 23.63
C LYS A 289 7.66 -18.54 22.98
N LEU A 290 7.64 -18.48 21.65
CA LEU A 290 8.53 -17.62 20.91
C LEU A 290 8.36 -16.17 21.38
N ALA A 291 7.11 -15.81 21.75
CA ALA A 291 6.78 -14.45 22.14
C ALA A 291 7.58 -14.00 23.36
N ALA A 292 7.86 -14.94 24.27
CA ALA A 292 8.63 -14.63 25.47
C ALA A 292 9.91 -13.90 25.06
N ASP A 293 10.79 -14.61 24.36
CA ASP A 293 12.11 -14.10 24.00
C ASP A 293 11.96 -12.76 23.26
N ARG A 294 11.19 -12.79 22.16
CA ARG A 294 11.06 -11.68 21.23
C ARG A 294 12.43 -11.36 20.60
N LYS A 295 13.31 -12.36 20.48
CA LYS A 295 14.53 -12.21 19.71
C LYS A 295 14.74 -13.43 18.81
N LYS A 296 14.79 -14.62 19.42
CA LYS A 296 14.71 -15.89 18.70
C LYS A 296 13.59 -15.81 17.66
N LEU A 297 12.51 -15.08 18.01
CA LEU A 297 11.38 -14.83 17.13
C LEU A 297 11.83 -13.94 15.97
N GLU A 298 12.23 -12.70 16.31
CA GLU A 298 12.68 -11.70 15.35
C GLU A 298 13.72 -12.28 14.39
N GLU A 299 14.61 -13.11 14.94
CA GLU A 299 15.68 -13.75 14.20
C GLU A 299 15.12 -14.80 13.24
N ILE A 300 14.03 -15.48 13.62
CA ILE A 300 13.40 -16.49 12.76
C ILE A 300 12.50 -15.82 11.73
N ALA A 301 11.83 -14.72 12.11
CA ALA A 301 10.94 -14.00 11.22
C ALA A 301 11.74 -13.44 10.05
N GLY A 302 12.81 -12.72 10.37
CA GLY A 302 13.76 -12.23 9.39
C GLY A 302 14.34 -13.33 8.49
N LYS A 303 14.42 -14.56 9.02
CA LYS A 303 14.99 -15.66 8.25
C LYS A 303 14.04 -16.14 7.16
N TYR A 304 12.73 -15.86 7.31
CA TYR A 304 11.74 -16.22 6.30
C TYR A 304 11.19 -14.95 5.66
N ASN A 305 11.92 -13.83 5.83
CA ASN A 305 11.58 -12.56 5.23
C ASN A 305 10.22 -12.06 5.72
N LEU A 306 9.88 -12.35 6.98
CA LEU A 306 8.63 -11.88 7.55
C LEU A 306 8.91 -10.64 8.39
N GLN A 307 7.84 -9.87 8.64
CA GLN A 307 7.89 -8.71 9.52
C GLN A 307 6.86 -8.86 10.64
N VAL A 308 7.32 -8.62 11.88
CA VAL A 308 6.47 -8.70 13.08
C VAL A 308 5.98 -7.31 13.45
N ARG A 309 4.66 -7.09 13.32
CA ARG A 309 3.96 -5.98 13.94
C ARG A 309 3.37 -6.50 15.26
N GLY A 310 2.62 -5.63 15.96
CA GLY A 310 2.01 -6.01 17.23
C GLY A 310 0.77 -5.19 17.56
N THR A 311 -0.28 -5.31 16.73
CA THR A 311 -1.64 -4.94 17.11
C THR A 311 -2.63 -5.89 16.41
N GLY A 320 -3.03 -9.64 24.03
CA GLY A 320 -1.81 -9.81 24.85
C GLY A 320 -0.61 -10.16 23.98
N GLY A 321 -0.48 -11.45 23.66
CA GLY A 321 0.64 -11.97 22.88
C GLY A 321 0.25 -12.25 21.42
N VAL A 322 -0.67 -11.43 20.89
CA VAL A 322 -1.13 -11.53 19.51
C VAL A 322 -0.23 -10.63 18.65
N TYR A 323 0.37 -11.22 17.62
CA TYR A 323 1.25 -10.48 16.71
C TYR A 323 0.64 -10.49 15.30
N ASP A 324 0.94 -9.44 14.53
CA ASP A 324 0.62 -9.39 13.12
C ASP A 324 1.92 -9.70 12.37
N ILE A 325 1.98 -10.84 11.69
CA ILE A 325 3.16 -11.22 10.94
C ILE A 325 2.82 -11.24 9.45
N SER A 326 3.70 -10.64 8.62
CA SER A 326 3.48 -10.46 7.19
C SER A 326 4.79 -10.61 6.39
N ASN A 327 4.66 -10.79 5.07
CA ASN A 327 5.81 -10.71 4.18
C ASN A 327 6.36 -9.28 4.22
N LYS A 328 7.69 -9.17 4.37
CA LYS A 328 8.37 -7.89 4.33
C LYS A 328 8.52 -7.38 2.88
N ARG A 329 8.67 -8.30 1.92
CA ARG A 329 9.09 -7.92 0.57
C ARG A 329 7.89 -7.61 -0.33
N ARG A 330 8.04 -6.55 -1.14
CA ARG A 330 7.04 -6.14 -2.13
C ARG A 330 7.60 -6.19 -3.55
N MET A 331 8.88 -5.86 -3.74
CA MET A 331 9.43 -5.66 -5.07
C MET A 331 10.46 -6.75 -5.36
N GLY A 332 10.52 -7.17 -6.63
CA GLY A 332 11.56 -8.07 -7.09
C GLY A 332 11.13 -9.54 -7.06
N LEU A 333 9.89 -9.79 -6.69
CA LEU A 333 9.34 -11.15 -6.67
C LEU A 333 7.91 -11.09 -7.13
N THR A 334 7.34 -12.22 -7.53
CA THR A 334 5.95 -12.18 -7.99
C THR A 334 4.98 -12.15 -6.80
N GLU A 335 3.70 -11.96 -7.14
CA GLU A 335 2.57 -12.06 -6.22
C GLU A 335 2.50 -13.45 -5.59
N TYR A 336 2.71 -14.49 -6.42
CA TYR A 336 2.72 -15.87 -5.96
C TYR A 336 3.86 -16.05 -4.96
N GLN A 337 5.05 -15.57 -5.30
CA GLN A 337 6.24 -15.82 -4.49
C GLN A 337 6.12 -15.11 -3.14
N ALA A 338 5.48 -13.94 -3.13
CA ALA A 338 5.31 -13.17 -1.90
C ALA A 338 4.40 -13.94 -0.96
N VAL A 339 3.28 -14.45 -1.49
CA VAL A 339 2.27 -15.11 -0.68
C VAL A 339 2.83 -16.44 -0.20
N LYS A 340 3.57 -17.13 -1.08
CA LYS A 340 4.05 -18.46 -0.75
C LYS A 340 5.16 -18.37 0.29
N GLU A 341 5.99 -17.32 0.29
CA GLU A 341 7.01 -17.26 1.32
C GLU A 341 6.39 -16.95 2.69
N MET A 342 5.39 -16.06 2.72
N MET A 342 5.41 -16.04 2.70
CA MET A 342 4.66 -15.78 3.95
CA MET A 342 4.63 -15.76 3.89
C MET A 342 4.06 -17.09 4.48
C MET A 342 4.06 -17.05 4.45
N GLN A 343 3.44 -17.87 3.59
CA GLN A 343 2.90 -19.19 3.94
C GLN A 343 3.96 -20.11 4.54
N ASP A 344 5.12 -20.22 3.88
CA ASP A 344 6.18 -21.10 4.37
C ASP A 344 6.73 -20.57 5.70
N GLY A 345 6.92 -19.25 5.84
CA GLY A 345 7.37 -18.66 7.09
C GLY A 345 6.47 -18.98 8.29
N ILE A 346 5.15 -18.86 8.11
CA ILE A 346 4.18 -19.10 9.16
C ILE A 346 4.13 -20.58 9.48
N LEU A 347 4.23 -21.46 8.47
CA LEU A 347 4.23 -22.90 8.72
C LEU A 347 5.46 -23.29 9.55
N GLU A 348 6.58 -22.61 9.33
CA GLU A 348 7.79 -22.86 10.10
C GLU A 348 7.70 -22.30 11.52
N LEU A 349 7.11 -21.11 11.72
CA LEU A 349 6.92 -20.53 13.05
C LEU A 349 6.03 -21.43 13.91
N ILE A 350 4.93 -21.92 13.33
CA ILE A 350 4.03 -22.85 14.02
C ILE A 350 4.78 -24.14 14.40
N LYS A 351 5.52 -24.70 13.42
CA LYS A 351 6.21 -25.97 13.57
C LYS A 351 7.30 -25.89 14.64
N ILE A 352 7.73 -24.68 15.01
CA ILE A 352 8.78 -24.51 16.02
C ILE A 352 8.17 -24.22 17.40
N GLU A 353 7.02 -23.53 17.47
CA GLU A 353 6.26 -23.40 18.72
C GLU A 353 5.88 -24.77 19.26
N LYS A 354 5.65 -25.73 18.35
CA LYS A 354 5.28 -27.09 18.71
C LYS A 354 6.48 -27.84 19.29
N SER A 355 7.66 -27.20 19.32
CA SER A 355 8.86 -27.83 19.83
C SER A 355 9.48 -27.04 20.99
N MET A 356 9.13 -25.74 21.11
CA MET A 356 9.62 -24.86 22.17
C MET A 356 9.31 -25.48 23.55
#